data_3B9S
#
_entry.id   3B9S
#
_cell.length_a   67.891
_cell.length_b   67.995
_cell.length_c   88.296
_cell.angle_alpha   90.000
_cell.angle_beta   90.000
_cell.angle_gamma   90.000
#
_symmetry.space_group_name_H-M   'P 21 21 21'
#
loop_
_entity.id
_entity.type
_entity.pdbx_description
1 polymer 'Macrophage Migration Inhibitory Factor'
2 non-polymer GLYCEROL
3 non-polymer 4-phenylpyrimidine
4 non-polymer 'SULFATE ION'
5 water water
#
_entity_poly.entity_id   1
_entity_poly.type   'polypeptide(L)'
_entity_poly.pdbx_seq_one_letter_code
;PMFIVNTNVPRASVPDGFLSELTQQLAQATGKPPQYIAVHVVPDQLMAFGGSSEPCALCSLHSIGKIGGAQNRSYSKLLC
GLLAERLRISPDRVYINYYDMNAANVGWNNSTFA
;
_entity_poly.pdbx_strand_id   A,B,C
#
loop_
_chem_comp.id
_chem_comp.type
_chem_comp.name
_chem_comp.formula
GOL non-polymer GLYCEROL 'C3 H8 O3'
RW1 non-polymer 4-phenylpyrimidine 'C10 H8 N2'
SO4 non-polymer 'SULFATE ION' 'O4 S -2'
#
# COMPACT_ATOMS: atom_id res chain seq x y z
N PRO A 1 13.04 5.73 7.30
CA PRO A 1 11.80 6.36 6.78
C PRO A 1 11.46 5.93 5.35
N MET A 2 10.21 5.52 5.11
CA MET A 2 9.82 5.08 3.79
C MET A 2 8.59 5.91 3.42
N PHE A 3 8.67 6.65 2.32
CA PHE A 3 7.58 7.55 1.88
C PHE A 3 7.04 7.16 0.50
N ILE A 4 5.74 6.89 0.40
CA ILE A 4 5.12 6.43 -0.84
C ILE A 4 4.06 7.43 -1.21
N VAL A 5 4.10 7.91 -2.47
CA VAL A 5 3.04 8.78 -2.96
C VAL A 5 2.38 8.20 -4.22
N ASN A 6 1.07 8.02 -4.15
CA ASN A 6 0.24 7.60 -5.27
C ASN A 6 -0.56 8.80 -5.73
N THR A 7 -0.50 9.08 -7.02
CA THR A 7 -1.12 10.31 -7.54
C THR A 7 -1.69 10.12 -8.94
N ASN A 8 -2.76 10.85 -9.25
CA ASN A 8 -3.32 10.89 -10.62
C ASN A 8 -2.52 11.84 -11.54
N VAL A 9 -1.56 12.56 -10.98
CA VAL A 9 -0.71 13.46 -11.78
C VAL A 9 0.06 12.58 -12.80
N PRO A 10 0.13 12.99 -14.09
CA PRO A 10 0.83 12.17 -15.07
C PRO A 10 2.34 12.14 -14.86
N ARG A 11 2.99 11.05 -15.29
CA ARG A 11 4.45 10.86 -15.16
C ARG A 11 5.24 12.02 -15.70
N ALA A 12 4.89 12.50 -16.89
CA ALA A 12 5.55 13.69 -17.45
C ALA A 12 5.58 14.89 -16.52
N SER A 13 4.61 15.00 -15.63
CA SER A 13 4.57 16.13 -14.68
C SER A 13 5.39 15.95 -13.39
N VAL A 14 6.03 14.80 -13.22
CA VAL A 14 6.91 14.61 -12.07
C VAL A 14 8.28 15.11 -12.51
N PRO A 15 8.80 16.17 -11.86
CA PRO A 15 10.02 16.76 -12.38
C PRO A 15 11.25 15.90 -12.13
N ASP A 16 12.22 15.99 -13.03
CA ASP A 16 13.51 15.35 -12.76
C ASP A 16 14.02 15.81 -11.42
N GLY A 17 14.61 14.88 -10.68
CA GLY A 17 15.16 15.19 -9.39
C GLY A 17 14.22 14.99 -8.22
N PHE A 18 12.96 14.67 -8.50
CA PHE A 18 11.92 14.61 -7.44
C PHE A 18 12.23 13.57 -6.36
N LEU A 19 12.63 12.35 -6.76
CA LEU A 19 12.93 11.34 -5.73
C LEU A 19 14.14 11.72 -4.90
N SER A 20 15.14 12.35 -5.52
CA SER A 20 16.29 12.83 -4.72
C SER A 20 15.90 13.96 -3.78
N GLU A 21 14.98 14.81 -4.22
CA GLU A 21 14.58 15.95 -3.38
C GLU A 21 13.77 15.43 -2.19
N LEU A 22 12.85 14.50 -2.46
CA LEU A 22 12.16 13.82 -1.36
C LEU A 22 13.12 13.22 -0.33
N THR A 23 14.11 12.48 -0.83
CA THR A 23 15.11 11.82 0.04
C THR A 23 15.84 12.82 0.91
N GLN A 24 16.34 13.87 0.28
CA GLN A 24 17.11 14.88 0.96
C GLN A 24 16.29 15.57 2.03
N GLN A 25 15.06 15.94 1.67
CA GLN A 25 14.21 16.70 2.57
C GLN A 25 13.73 15.83 3.73
N LEU A 26 13.44 14.56 3.46
CA LEU A 26 13.10 13.63 4.53
C LEU A 26 14.30 13.35 5.47
N ALA A 27 15.49 13.23 4.90
CA ALA A 27 16.71 13.09 5.74
C ALA A 27 16.83 14.27 6.71
N GLN A 28 16.69 15.47 6.17
CA GLN A 28 16.68 16.70 6.95
C GLN A 28 15.59 16.71 8.05
N ALA A 29 14.34 16.41 7.66
CA ALA A 29 13.21 16.37 8.61
C ALA A 29 13.22 15.27 9.72
N THR A 30 13.64 14.06 9.38
CA THR A 30 13.55 12.91 10.31
C THR A 30 14.79 12.78 11.20
N GLY A 31 15.84 13.49 10.80
CA GLY A 31 17.15 13.38 11.41
C GLY A 31 17.89 12.08 11.06
N LYS A 32 17.43 11.36 10.03
CA LYS A 32 18.03 10.08 9.60
C LYS A 32 19.03 10.28 8.42
N PRO A 33 20.13 9.51 8.38
CA PRO A 33 20.98 9.57 7.19
C PRO A 33 20.21 9.16 5.89
N PRO A 34 20.48 9.84 4.78
CA PRO A 34 19.74 9.55 3.53
C PRO A 34 19.85 8.10 3.07
N GLN A 35 20.95 7.43 3.45
CA GLN A 35 21.18 6.02 3.10
C GLN A 35 20.06 5.08 3.56
N TYR A 36 19.32 5.47 4.61
CA TYR A 36 18.25 4.66 5.17
C TYR A 36 16.86 4.92 4.47
N ILE A 37 16.78 6.00 3.72
CA ILE A 37 15.48 6.52 3.28
C ILE A 37 15.02 5.91 1.95
N ALA A 38 13.77 5.43 1.90
CA ALA A 38 13.21 4.87 0.67
C ALA A 38 12.07 5.77 0.22
N VAL A 39 11.99 6.02 -1.08
CA VAL A 39 10.93 6.88 -1.59
C VAL A 39 10.36 6.22 -2.86
N HIS A 40 9.07 6.43 -3.09
CA HIS A 40 8.39 5.70 -4.18
C HIS A 40 7.26 6.60 -4.64
N VAL A 41 7.25 6.91 -5.93
CA VAL A 41 6.24 7.81 -6.50
C VAL A 41 5.53 7.03 -7.60
N VAL A 42 4.19 7.01 -7.54
CA VAL A 42 3.37 6.25 -8.48
C VAL A 42 2.36 7.19 -9.18
N PRO A 43 2.73 7.68 -10.38
CA PRO A 43 1.90 8.65 -11.09
C PRO A 43 0.83 7.94 -11.93
N ASP A 44 0.06 8.73 -12.68
CA ASP A 44 -0.96 8.18 -13.58
C ASP A 44 -2.06 7.29 -12.98
N GLN A 45 -2.32 7.45 -11.69
CA GLN A 45 -3.34 6.63 -11.04
C GLN A 45 -4.78 7.04 -11.34
N LEU A 46 -5.66 6.05 -11.36
CA LEU A 46 -7.11 6.25 -11.44
C LEU A 46 -7.56 6.48 -10.01
N MET A 47 -7.72 7.75 -9.62
CA MET A 47 -8.16 8.07 -8.27
C MET A 47 -9.04 9.27 -8.22
N ALA A 48 -9.83 9.32 -7.14
CA ALA A 48 -10.67 10.47 -6.86
C ALA A 48 -10.55 10.85 -5.41
N PHE A 49 -10.64 12.16 -5.15
CA PHE A 49 -10.59 12.69 -3.83
C PHE A 49 -11.81 13.60 -3.72
N GLY A 50 -12.64 13.27 -2.75
CA GLY A 50 -13.87 14.01 -2.50
C GLY A 50 -14.81 14.17 -3.66
N GLY A 51 -14.84 13.16 -4.52
CA GLY A 51 -15.79 13.08 -5.64
C GLY A 51 -15.25 13.68 -6.93
N SER A 52 -13.96 14.02 -6.95
CA SER A 52 -13.37 14.77 -8.05
C SER A 52 -12.04 14.13 -8.47
N SER A 53 -11.73 14.21 -9.76
CA SER A 53 -10.48 13.65 -10.26
C SER A 53 -9.46 14.72 -10.56
N GLU A 54 -9.62 15.90 -9.94
CA GLU A 54 -8.57 16.91 -9.91
C GLU A 54 -7.32 16.33 -9.23
N PRO A 55 -6.12 16.90 -9.51
CA PRO A 55 -4.91 16.33 -8.91
C PRO A 55 -5.05 16.10 -7.41
N CYS A 56 -4.65 14.91 -6.98
CA CYS A 56 -4.69 14.56 -5.58
C CYS A 56 -3.56 13.53 -5.32
N ALA A 57 -3.34 13.25 -4.06
CA ALA A 57 -2.28 12.26 -3.67
C ALA A 57 -2.72 11.51 -2.44
N LEU A 58 -2.50 10.19 -2.44
CA LEU A 58 -2.66 9.38 -1.24
C LEU A 58 -1.27 8.80 -0.96
N CYS A 59 -0.75 9.09 0.24
CA CYS A 59 0.65 8.83 0.59
C CYS A 59 0.73 8.07 1.89
N SER A 60 1.90 7.48 2.15
CA SER A 60 2.16 6.93 3.46
C SER A 60 3.59 7.24 3.87
N LEU A 61 3.82 7.35 5.18
CA LEU A 61 5.18 7.51 5.71
C LEU A 61 5.30 6.49 6.82
N HIS A 62 6.23 5.55 6.63
CA HIS A 62 6.50 4.55 7.65
C HIS A 62 7.86 4.90 8.27
N SER A 63 7.93 4.86 9.60
CA SER A 63 9.18 5.19 10.29
C SER A 63 9.29 4.28 11.50
N ILE A 64 10.53 3.95 11.92
CA ILE A 64 10.69 3.21 13.17
C ILE A 64 10.84 4.24 14.30
N GLY A 65 9.78 4.51 15.05
CA GLY A 65 9.73 5.74 15.86
C GLY A 65 9.81 7.05 15.06
N LYS A 66 9.93 8.18 15.76
CA LYS A 66 9.89 9.53 15.14
C LYS A 66 8.51 9.85 14.51
N ILE A 67 7.47 9.21 15.05
CA ILE A 67 6.07 9.47 14.65
C ILE A 67 5.28 9.96 15.89
N GLY A 68 4.55 11.06 15.74
CA GLY A 68 3.79 11.61 16.87
C GLY A 68 3.10 12.89 16.43
N GLY A 69 2.23 13.43 17.27
CA GLY A 69 1.42 14.59 16.84
C GLY A 69 2.20 15.71 16.17
N ALA A 70 3.15 16.30 16.89
CA ALA A 70 3.88 17.45 16.37
C ALA A 70 4.80 17.08 15.23
N GLN A 71 5.52 15.97 15.36
CA GLN A 71 6.39 15.51 14.26
C GLN A 71 5.58 15.30 12.98
N ASN A 72 4.40 14.66 13.11
CA ASN A 72 3.56 14.40 11.94
C ASN A 72 3.01 15.67 11.28
N ARG A 73 2.67 16.69 12.09
CA ARG A 73 2.24 17.99 11.58
C ARG A 73 3.39 18.60 10.79
N SER A 74 4.61 18.49 11.34
CA SER A 74 5.82 19.00 10.65
C SER A 74 6.09 18.28 9.31
N TYR A 75 6.01 16.95 9.31
CA TYR A 75 6.15 16.19 8.07
C TYR A 75 5.08 16.61 7.08
N SER A 76 3.86 16.79 7.56
CA SER A 76 2.75 17.08 6.64
C SER A 76 2.95 18.43 5.95
N LYS A 77 3.38 19.39 6.73
CA LYS A 77 3.75 20.68 6.16
C LYS A 77 4.82 20.55 5.09
N LEU A 78 5.90 19.85 5.40
CA LEU A 78 6.97 19.64 4.44
C LEU A 78 6.49 18.92 3.17
N LEU A 79 5.80 17.81 3.34
CA LEU A 79 5.44 16.95 2.22
C LEU A 79 4.33 17.54 1.37
N CYS A 80 3.29 18.08 2.00
CA CYS A 80 2.31 18.83 1.21
C CYS A 80 2.97 20.00 0.44
N GLY A 81 3.89 20.70 1.11
CA GLY A 81 4.69 21.76 0.46
C GLY A 81 5.33 21.31 -0.84
N LEU A 82 6.02 20.17 -0.78
CA LEU A 82 6.68 19.61 -1.95
C LEU A 82 5.70 19.14 -3.00
N LEU A 83 4.62 18.46 -2.60
CA LEU A 83 3.65 17.99 -3.59
C LEU A 83 3.01 19.17 -4.33
N ALA A 84 2.75 20.26 -3.62
CA ALA A 84 2.15 21.47 -4.20
C ALA A 84 3.14 22.14 -5.13
N GLU A 85 4.35 22.38 -4.64
CA GLU A 85 5.40 23.05 -5.45
C GLU A 85 5.80 22.25 -6.69
N ARG A 86 6.01 20.95 -6.52
CA ARG A 86 6.53 20.12 -7.60
C ARG A 86 5.48 19.45 -8.46
N LEU A 87 4.38 18.99 -7.86
CA LEU A 87 3.33 18.25 -8.63
C LEU A 87 2.04 19.05 -8.85
N ARG A 88 2.03 20.27 -8.31
CA ARG A 88 0.90 21.18 -8.38
C ARG A 88 -0.40 20.55 -7.84
N ILE A 89 -0.25 19.80 -6.74
CA ILE A 89 -1.40 19.25 -6.03
C ILE A 89 -1.73 20.12 -4.82
N SER A 90 -3.01 20.50 -4.66
CA SER A 90 -3.44 21.30 -3.54
C SER A 90 -3.29 20.48 -2.24
N PRO A 91 -2.70 21.09 -1.19
CA PRO A 91 -2.55 20.40 0.10
C PRO A 91 -3.86 19.82 0.64
N ASP A 92 -5.02 20.44 0.30
CA ASP A 92 -6.27 19.90 0.84
C ASP A 92 -6.80 18.71 0.02
N ARG A 93 -5.97 18.21 -0.91
CA ARG A 93 -6.28 17.04 -1.73
C ARG A 93 -5.14 16.01 -1.58
N VAL A 94 -4.48 16.04 -0.43
CA VAL A 94 -3.41 15.10 -0.05
C VAL A 94 -3.80 14.42 1.27
N TYR A 95 -3.75 13.08 1.30
CA TYR A 95 -3.82 12.37 2.57
C TYR A 95 -2.48 11.68 2.75
N ILE A 96 -1.95 11.73 3.96
CA ILE A 96 -0.71 10.97 4.29
C ILE A 96 -0.98 10.13 5.55
N ASN A 97 -0.86 8.80 5.44
CA ASN A 97 -1.06 7.92 6.55
C ASN A 97 0.30 7.71 7.18
N TYR A 98 0.42 7.98 8.48
CA TYR A 98 1.69 7.81 9.20
C TYR A 98 1.66 6.52 10.00
N TYR A 99 2.75 5.73 9.91
CA TYR A 99 2.81 4.45 10.58
C TYR A 99 4.09 4.38 11.43
N ASP A 100 3.90 4.07 12.70
CA ASP A 100 5.03 3.88 13.60
C ASP A 100 5.31 2.39 13.61
N MET A 101 6.42 1.99 12.98
CA MET A 101 6.77 0.57 12.84
C MET A 101 7.65 0.11 14.01
N ASN A 102 7.41 -1.11 14.47
CA ASN A 102 8.33 -1.73 15.43
C ASN A 102 9.50 -2.28 14.67
N ALA A 103 10.71 -2.08 15.19
CA ALA A 103 11.94 -2.59 14.54
C ALA A 103 11.85 -4.11 14.24
N ALA A 104 11.18 -4.85 15.11
CA ALA A 104 10.94 -6.28 14.92
C ALA A 104 10.07 -6.60 13.71
N ASN A 105 9.29 -5.60 13.25
CA ASN A 105 8.34 -5.82 12.14
C ASN A 105 8.78 -5.20 10.84
N VAL A 106 10.10 -4.96 10.72
CA VAL A 106 10.66 -4.43 9.50
C VAL A 106 11.78 -5.36 9.05
N GLY A 107 11.68 -5.95 7.86
CA GLY A 107 12.72 -6.79 7.35
C GLY A 107 13.64 -5.98 6.45
N TRP A 108 14.90 -6.39 6.42
CA TRP A 108 15.95 -5.74 5.66
C TRP A 108 17.17 -6.66 5.70
N ASN A 109 17.85 -6.81 4.57
CA ASN A 109 19.13 -7.55 4.52
C ASN A 109 19.04 -8.93 5.22
N ASN A 110 18.02 -9.71 4.85
CA ASN A 110 17.81 -11.11 5.31
C ASN A 110 17.34 -11.27 6.75
N SER A 111 17.13 -10.17 7.44
CA SER A 111 16.80 -10.25 8.85
C SER A 111 15.85 -9.13 9.16
N THR A 112 15.79 -8.73 10.43
CA THR A 112 15.00 -7.58 10.82
C THR A 112 15.92 -6.54 11.45
N PHE A 113 15.34 -5.40 11.83
CA PHE A 113 16.11 -4.38 12.53
C PHE A 113 16.11 -4.65 14.03
N ALA A 114 15.25 -5.57 14.51
CA ALA A 114 15.26 -5.95 15.94
C ALA A 114 16.69 -6.13 16.43
N PRO B 1 -1.92 -15.50 4.06
CA PRO B 1 -1.08 -14.29 4.06
C PRO B 1 -1.15 -13.49 2.75
N MET B 2 -0.77 -12.21 2.77
CA MET B 2 -0.76 -11.46 1.55
C MET B 2 0.60 -10.79 1.43
N PHE B 3 1.30 -11.06 0.33
CA PHE B 3 2.64 -10.54 0.13
C PHE B 3 2.68 -9.59 -1.07
N ILE B 4 3.15 -8.37 -0.85
CA ILE B 4 3.20 -7.39 -1.94
C ILE B 4 4.62 -6.92 -2.14
N VAL B 5 5.09 -6.95 -3.39
CA VAL B 5 6.40 -6.37 -3.71
C VAL B 5 6.31 -5.31 -4.79
N ASN B 6 6.80 -4.13 -4.44
CA ASN B 6 7.01 -3.04 -5.39
C ASN B 6 8.49 -2.89 -5.67
N THR B 7 8.86 -2.79 -6.94
CA THR B 7 10.25 -2.75 -7.33
C THR B 7 10.47 -1.92 -8.59
N ASN B 8 11.66 -1.36 -8.72
CA ASN B 8 12.08 -0.68 -9.95
C ASN B 8 12.65 -1.62 -11.02
N VAL B 9 12.78 -2.90 -10.70
CA VAL B 9 13.16 -3.96 -11.66
C VAL B 9 12.09 -4.04 -12.77
N PRO B 10 12.54 -4.07 -14.04
CA PRO B 10 11.54 -4.05 -15.14
C PRO B 10 10.73 -5.32 -15.26
N ARG B 11 9.49 -5.20 -15.76
CA ARG B 11 8.61 -6.34 -15.97
C ARG B 11 9.31 -7.58 -16.59
N ALA B 12 10.09 -7.36 -17.63
CA ALA B 12 10.75 -8.45 -18.34
C ALA B 12 11.70 -9.26 -17.47
N SER B 13 12.20 -8.65 -16.40
CA SER B 13 13.14 -9.29 -15.49
C SER B 13 12.47 -10.13 -14.42
N VAL B 14 11.14 -10.10 -14.34
CA VAL B 14 10.41 -10.95 -13.41
C VAL B 14 10.22 -12.33 -14.10
N PRO B 15 10.90 -13.38 -13.60
CA PRO B 15 10.78 -14.69 -14.27
C PRO B 15 9.38 -15.32 -14.27
N ASP B 16 9.10 -16.05 -15.34
CA ASP B 16 7.93 -16.91 -15.40
C ASP B 16 7.82 -17.77 -14.15
N GLY B 17 6.62 -17.81 -13.58
CA GLY B 17 6.35 -18.62 -12.41
C GLY B 17 6.78 -18.00 -11.09
N PHE B 18 7.23 -16.74 -11.15
CA PHE B 18 7.63 -16.00 -9.92
C PHE B 18 6.49 -15.94 -8.89
N LEU B 19 5.29 -15.56 -9.31
CA LEU B 19 4.17 -15.53 -8.38
C LEU B 19 3.82 -16.88 -7.77
N SER B 20 3.88 -17.94 -8.58
CA SER B 20 3.69 -19.29 -8.03
C SER B 20 4.82 -19.74 -7.08
N GLU B 21 6.05 -19.35 -7.37
CA GLU B 21 7.16 -19.62 -6.43
C GLU B 21 6.95 -18.90 -5.09
N LEU B 22 6.62 -17.60 -5.15
CA LEU B 22 6.27 -16.89 -3.91
C LEU B 22 5.20 -17.59 -3.07
N THR B 23 4.09 -17.97 -3.74
CA THR B 23 2.97 -18.65 -3.09
C THR B 23 3.41 -19.92 -2.38
N GLN B 24 4.15 -20.77 -3.09
CA GLN B 24 4.62 -22.04 -2.54
C GLN B 24 5.48 -21.81 -1.31
N GLN B 25 6.47 -20.93 -1.48
CA GLN B 25 7.40 -20.59 -0.38
C GLN B 25 6.68 -19.99 0.83
N LEU B 26 5.69 -19.12 0.60
CA LEU B 26 4.97 -18.51 1.69
C LEU B 26 4.09 -19.53 2.44
N ALA B 27 3.52 -20.47 1.69
CA ALA B 27 2.74 -21.58 2.28
C ALA B 27 3.55 -22.40 3.30
N GLN B 28 4.73 -22.82 2.87
CA GLN B 28 5.74 -23.47 3.69
C GLN B 28 6.10 -22.68 4.92
N ALA B 29 6.42 -21.39 4.74
CA ALA B 29 6.90 -20.58 5.85
C ALA B 29 5.80 -20.22 6.83
N THR B 30 4.62 -19.89 6.34
CA THR B 30 3.57 -19.42 7.27
C THR B 30 2.75 -20.58 7.87
N GLY B 31 2.80 -21.74 7.23
CA GLY B 31 1.96 -22.88 7.65
C GLY B 31 0.49 -22.77 7.22
N LYS B 32 0.22 -21.82 6.32
CA LYS B 32 -1.10 -21.61 5.74
C LYS B 32 -1.24 -22.30 4.39
N PRO B 33 -2.47 -22.75 4.04
CA PRO B 33 -2.69 -23.41 2.75
C PRO B 33 -2.42 -22.47 1.60
N PRO B 34 -1.79 -22.98 0.52
CA PRO B 34 -1.50 -22.21 -0.67
C PRO B 34 -2.75 -21.53 -1.24
N GLN B 35 -3.92 -22.16 -1.05
CA GLN B 35 -5.16 -21.68 -1.66
C GLN B 35 -5.61 -20.29 -1.17
N TYR B 36 -5.13 -19.92 0.02
CA TYR B 36 -5.50 -18.63 0.64
C TYR B 36 -4.43 -17.53 0.60
N ILE B 37 -3.29 -17.86 0.01
CA ILE B 37 -2.15 -16.94 -0.10
C ILE B 37 -2.33 -16.04 -1.31
N ALA B 38 -2.19 -14.73 -1.08
CA ALA B 38 -2.27 -13.75 -2.14
C ALA B 38 -0.88 -13.13 -2.34
N VAL B 39 -0.52 -12.92 -3.60
CA VAL B 39 0.78 -12.36 -3.93
C VAL B 39 0.59 -11.33 -5.02
N HIS B 40 1.40 -10.27 -4.95
CA HIS B 40 1.23 -9.15 -5.83
C HIS B 40 2.61 -8.55 -6.10
N VAL B 41 2.93 -8.45 -7.38
CA VAL B 41 4.26 -7.98 -7.78
C VAL B 41 4.07 -6.79 -8.68
N VAL B 42 4.73 -5.69 -8.34
CA VAL B 42 4.63 -4.44 -9.09
C VAL B 42 6.00 -3.98 -9.63
N PRO B 43 6.32 -4.31 -10.90
CA PRO B 43 7.61 -3.88 -11.48
C PRO B 43 7.58 -2.44 -12.03
N ASP B 44 8.71 -2.01 -12.60
CA ASP B 44 8.86 -0.72 -13.29
C ASP B 44 8.55 0.52 -12.44
N GLN B 45 8.66 0.42 -11.12
CA GLN B 45 8.37 1.54 -10.23
C GLN B 45 9.46 2.61 -10.20
N LEU B 46 9.01 3.86 -10.05
CA LEU B 46 9.84 5.03 -9.83
C LEU B 46 10.12 5.05 -8.31
N MET B 47 11.27 4.51 -7.94
CA MET B 47 11.63 4.45 -6.52
C MET B 47 13.12 4.61 -6.31
N ALA B 48 13.49 5.01 -5.10
CA ALA B 48 14.91 5.12 -4.70
C ALA B 48 15.07 4.55 -3.30
N PHE B 49 16.24 3.99 -3.03
CA PHE B 49 16.53 3.45 -1.73
C PHE B 49 17.91 4.03 -1.43
N GLY B 50 18.00 4.78 -0.33
CA GLY B 50 19.24 5.44 0.02
C GLY B 50 19.67 6.50 -0.99
N GLY B 51 18.69 7.09 -1.69
CA GLY B 51 18.98 8.09 -2.73
C GLY B 51 19.41 7.49 -4.06
N SER B 52 19.55 6.15 -4.12
CA SER B 52 19.99 5.45 -5.31
C SER B 52 18.86 4.72 -6.07
N SER B 53 18.88 4.82 -7.38
CA SER B 53 17.96 4.10 -8.22
C SER B 53 18.42 2.71 -8.68
N GLU B 54 19.49 2.20 -8.08
CA GLU B 54 19.85 0.78 -8.29
C GLU B 54 18.68 -0.12 -7.87
N PRO B 55 18.63 -1.38 -8.37
CA PRO B 55 17.49 -2.21 -8.02
C PRO B 55 17.20 -2.26 -6.53
N CYS B 56 15.90 -2.15 -6.22
CA CYS B 56 15.49 -2.18 -4.81
C CYS B 56 14.07 -2.68 -4.75
N ALA B 57 13.61 -2.99 -3.54
CA ALA B 57 12.21 -3.40 -3.38
C ALA B 57 11.64 -2.91 -2.07
N LEU B 58 10.37 -2.50 -2.11
CA LEU B 58 9.61 -2.18 -0.90
C LEU B 58 8.44 -3.16 -0.84
N CYS B 59 8.35 -3.91 0.27
CA CYS B 59 7.45 -5.05 0.36
C CYS B 59 6.58 -4.97 1.62
N SER B 60 5.50 -5.73 1.62
CA SER B 60 4.71 -5.95 2.82
C SER B 60 4.23 -7.40 2.89
N LEU B 61 4.18 -7.92 4.11
CA LEU B 61 3.55 -9.20 4.37
C LEU B 61 2.54 -8.98 5.46
N HIS B 62 1.27 -9.19 5.13
CA HIS B 62 0.13 -9.14 6.07
C HIS B 62 -0.31 -10.56 6.39
N SER B 63 -0.43 -10.85 7.67
CA SER B 63 -0.88 -12.18 8.08
C SER B 63 -1.76 -12.05 9.34
N ILE B 64 -2.73 -12.95 9.47
CA ILE B 64 -3.47 -13.08 10.73
C ILE B 64 -2.66 -13.95 11.67
N GLY B 65 -1.98 -13.35 12.64
CA GLY B 65 -0.98 -14.08 13.43
C GLY B 65 0.21 -14.53 12.59
N LYS B 66 1.01 -15.43 13.14
CA LYS B 66 2.24 -15.92 12.48
C LYS B 66 3.24 -14.77 12.22
N ILE B 67 3.13 -13.71 13.03
CA ILE B 67 4.02 -12.53 12.97
C ILE B 67 4.66 -12.29 14.34
N GLY B 68 5.97 -12.10 14.34
CA GLY B 68 6.71 -11.89 15.60
C GLY B 68 8.20 -11.90 15.28
N GLY B 69 9.04 -11.58 16.25
CA GLY B 69 10.49 -11.45 16.00
C GLY B 69 11.18 -12.55 15.21
N ALA B 70 11.19 -13.77 15.75
CA ALA B 70 11.89 -14.91 15.12
C ALA B 70 11.30 -15.29 13.76
N GLN B 71 9.95 -15.33 13.70
CA GLN B 71 9.21 -15.63 12.47
C GLN B 71 9.56 -14.61 11.38
N ASN B 72 9.54 -13.33 11.76
CA ASN B 72 9.86 -12.25 10.82
C ASN B 72 11.30 -12.31 10.27
N ARG B 73 12.28 -12.66 11.12
CA ARG B 73 13.65 -12.84 10.64
C ARG B 73 13.72 -13.95 9.58
N SER B 74 12.99 -15.04 9.83
CA SER B 74 12.93 -16.16 8.92
C SER B 74 12.28 -15.75 7.59
N TYR B 75 11.13 -15.05 7.66
CA TYR B 75 10.48 -14.58 6.42
C TYR B 75 11.43 -13.68 5.67
N SER B 76 12.17 -12.85 6.39
CA SER B 76 13.08 -11.91 5.71
C SER B 76 14.20 -12.63 4.97
N LYS B 77 14.80 -13.62 5.62
CA LYS B 77 15.80 -14.44 4.95
C LYS B 77 15.23 -15.13 3.68
N LEU B 78 14.09 -15.79 3.82
CA LEU B 78 13.40 -16.41 2.68
C LEU B 78 13.13 -15.40 1.56
N LEU B 79 12.50 -14.29 1.91
CA LEU B 79 12.00 -13.33 0.90
C LEU B 79 13.13 -12.55 0.22
N CYS B 80 14.08 -12.06 1.00
CA CYS B 80 15.29 -11.44 0.44
C CYS B 80 16.05 -12.43 -0.46
N GLY B 81 16.14 -13.70 -0.05
CA GLY B 81 16.77 -14.75 -0.89
C GLY B 81 16.15 -14.84 -2.27
N LEU B 82 14.81 -14.90 -2.28
CA LEU B 82 14.01 -14.98 -3.49
C LEU B 82 14.18 -13.76 -4.38
N LEU B 83 14.03 -12.57 -3.78
CA LEU B 83 14.27 -11.36 -4.58
C LEU B 83 15.71 -11.26 -5.15
N ALA B 84 16.71 -11.71 -4.37
CA ALA B 84 18.10 -11.70 -4.82
C ALA B 84 18.28 -12.71 -5.98
N GLU B 85 17.84 -13.94 -5.74
CA GLU B 85 18.02 -15.02 -6.71
C GLU B 85 17.24 -14.75 -7.99
N ARG B 86 15.96 -14.36 -7.85
CA ARG B 86 15.06 -14.19 -9.00
C ARG B 86 15.06 -12.81 -9.64
N LEU B 87 15.07 -11.76 -8.82
CA LEU B 87 15.03 -10.41 -9.39
C LEU B 87 16.38 -9.69 -9.38
N ARG B 88 17.39 -10.33 -8.79
CA ARG B 88 18.75 -9.79 -8.71
C ARG B 88 18.81 -8.46 -7.93
N ILE B 89 18.02 -8.42 -6.86
CA ILE B 89 18.00 -7.28 -5.96
C ILE B 89 18.83 -7.62 -4.73
N SER B 90 19.77 -6.74 -4.40
CA SER B 90 20.58 -6.90 -3.19
C SER B 90 19.72 -6.90 -1.93
N PRO B 91 19.91 -7.90 -1.03
CA PRO B 91 19.07 -7.92 0.18
C PRO B 91 19.14 -6.60 1.02
N ASP B 92 20.25 -5.89 0.93
CA ASP B 92 20.38 -4.64 1.71
C ASP B 92 19.67 -3.44 1.03
N ARG B 93 18.99 -3.73 -0.08
CA ARG B 93 18.15 -2.73 -0.80
C ARG B 93 16.66 -3.15 -0.80
N VAL B 94 16.29 -3.91 0.23
CA VAL B 94 14.95 -4.46 0.41
C VAL B 94 14.41 -4.10 1.79
N TYR B 95 13.23 -3.49 1.81
CA TYR B 95 12.50 -3.27 3.05
C TYR B 95 11.19 -4.06 2.99
N ILE B 96 10.86 -4.74 4.09
CA ILE B 96 9.61 -5.51 4.19
C ILE B 96 8.91 -5.07 5.47
N ASN B 97 7.70 -4.52 5.34
CA ASN B 97 6.86 -4.21 6.47
C ASN B 97 6.04 -5.46 6.84
N TYR B 98 6.10 -5.85 8.10
CA TYR B 98 5.27 -7.01 8.56
C TYR B 98 4.08 -6.48 9.33
N TYR B 99 2.88 -6.96 8.96
CA TYR B 99 1.66 -6.55 9.65
C TYR B 99 0.94 -7.77 10.21
N ASP B 100 0.65 -7.75 11.50
CA ASP B 100 -0.19 -8.76 12.14
C ASP B 100 -1.61 -8.22 12.12
N MET B 101 -2.41 -8.74 11.20
CA MET B 101 -3.79 -8.31 11.07
C MET B 101 -4.69 -8.93 12.12
N ASN B 102 -5.64 -8.16 12.64
CA ASN B 102 -6.67 -8.75 13.51
C ASN B 102 -7.72 -9.38 12.60
N ALA B 103 -8.17 -10.59 12.91
CA ALA B 103 -9.14 -11.30 12.03
C ALA B 103 -10.40 -10.47 11.76
N ALA B 104 -10.76 -9.60 12.71
CA ALA B 104 -11.91 -8.71 12.54
C ALA B 104 -11.66 -7.61 11.50
N ASN B 105 -10.37 -7.30 11.28
CA ASN B 105 -9.93 -6.25 10.36
C ASN B 105 -9.54 -6.75 8.97
N VAL B 106 -10.06 -7.92 8.62
CA VAL B 106 -9.83 -8.46 7.30
C VAL B 106 -11.15 -8.98 6.68
N GLY B 107 -11.50 -8.42 5.54
CA GLY B 107 -12.68 -8.84 4.78
C GLY B 107 -12.32 -9.84 3.68
N TRP B 108 -13.27 -10.73 3.42
CA TRP B 108 -13.12 -11.80 2.43
C TRP B 108 -14.49 -12.45 2.24
N ASN B 109 -14.87 -12.70 0.99
CA ASN B 109 -16.08 -13.46 0.68
C ASN B 109 -17.35 -12.86 1.34
N ASN B 110 -17.48 -11.53 1.24
CA ASN B 110 -18.65 -10.77 1.76
C ASN B 110 -18.77 -10.58 3.29
N SER B 111 -17.74 -10.96 4.04
CA SER B 111 -17.71 -10.68 5.48
C SER B 111 -16.27 -10.59 6.00
N THR B 112 -16.06 -10.89 7.28
CA THR B 112 -14.70 -10.89 7.82
C THR B 112 -14.24 -12.33 8.19
N PHE B 113 -13.10 -12.42 8.89
CA PHE B 113 -12.62 -13.70 9.43
C PHE B 113 -12.88 -13.79 10.95
N ALA B 114 -13.68 -12.86 11.47
CA ALA B 114 -14.03 -12.84 12.90
C ALA B 114 -14.98 -13.99 13.26
N PRO C 1 -14.02 7.67 4.63
CA PRO C 1 -13.18 6.51 4.29
C PRO C 1 -12.28 6.61 3.05
N MET C 2 -11.13 5.91 3.09
CA MET C 2 -10.22 5.82 1.94
C MET C 2 -10.21 4.38 1.46
N PHE C 3 -10.56 4.16 0.20
CA PHE C 3 -10.69 2.78 -0.31
C PHE C 3 -9.78 2.56 -1.50
N ILE C 4 -8.92 1.55 -1.42
CA ILE C 4 -7.94 1.31 -2.46
C ILE C 4 -8.14 -0.13 -2.94
N VAL C 5 -8.23 -0.33 -4.24
CA VAL C 5 -8.39 -1.67 -4.84
C VAL C 5 -7.31 -1.91 -5.87
N ASN C 6 -6.57 -2.99 -5.63
CA ASN C 6 -5.58 -3.50 -6.58
C ASN C 6 -6.12 -4.78 -7.18
N THR C 7 -6.11 -4.83 -8.50
CA THR C 7 -6.69 -5.98 -9.27
C THR C 7 -5.98 -6.36 -10.58
N ASN C 8 -6.04 -7.66 -10.92
CA ASN C 8 -5.51 -8.11 -12.20
C ASN C 8 -6.53 -7.89 -13.36
N VAL C 9 -7.72 -7.42 -13.03
CA VAL C 9 -8.74 -7.09 -14.07
C VAL C 9 -8.14 -5.99 -14.95
N PRO C 10 -8.28 -6.10 -16.30
CA PRO C 10 -7.74 -5.08 -17.21
C PRO C 10 -8.47 -3.75 -17.06
N ARG C 11 -7.80 -2.66 -17.37
CA ARG C 11 -8.36 -1.33 -17.18
C ARG C 11 -9.65 -1.12 -17.99
N ALA C 12 -9.66 -1.70 -19.19
CA ALA C 12 -10.85 -1.64 -20.06
C ALA C 12 -12.12 -2.26 -19.41
N SER C 13 -11.94 -3.13 -18.41
CA SER C 13 -13.06 -3.76 -17.70
C SER C 13 -13.59 -2.96 -16.50
N VAL C 14 -12.88 -1.88 -16.15
CA VAL C 14 -13.33 -0.98 -15.09
C VAL C 14 -14.30 0.03 -15.71
N PRO C 15 -15.58 -0.03 -15.31
CA PRO C 15 -16.59 0.86 -15.88
C PRO C 15 -16.28 2.34 -15.71
N ASP C 16 -16.68 3.15 -16.69
CA ASP C 16 -16.47 4.61 -16.69
C ASP C 16 -16.77 5.34 -15.36
N GLY C 17 -17.93 5.08 -14.78
CA GLY C 17 -18.27 5.79 -13.55
C GLY C 17 -17.94 5.07 -12.26
N PHE C 18 -17.00 4.13 -12.31
CA PHE C 18 -16.69 3.29 -11.15
C PHE C 18 -16.18 4.08 -9.91
N LEU C 19 -15.30 5.06 -10.12
CA LEU C 19 -14.79 5.85 -8.99
C LEU C 19 -15.91 6.63 -8.30
N SER C 20 -16.78 7.21 -9.12
CA SER C 20 -17.91 7.98 -8.62
C SER C 20 -18.87 7.10 -7.86
N GLU C 21 -19.13 5.90 -8.40
CA GLU C 21 -19.98 4.95 -7.69
C GLU C 21 -19.41 4.51 -6.34
N LEU C 22 -18.12 4.16 -6.31
CA LEU C 22 -17.50 3.83 -5.03
C LEU C 22 -17.65 4.99 -4.03
N THR C 23 -17.35 6.21 -4.48
CA THR C 23 -17.48 7.40 -3.62
C THR C 23 -18.89 7.50 -3.06
N GLN C 24 -19.89 7.44 -3.95
CA GLN C 24 -21.30 7.60 -3.53
C GLN C 24 -21.70 6.50 -2.56
N GLN C 25 -21.40 5.26 -2.91
CA GLN C 25 -21.76 4.12 -2.06
C GLN C 25 -21.12 4.15 -0.69
N LEU C 26 -19.85 4.59 -0.63
CA LEU C 26 -19.14 4.68 0.63
C LEU C 26 -19.69 5.80 1.51
N ALA C 27 -20.07 6.92 0.87
CA ALA C 27 -20.69 8.06 1.56
C ALA C 27 -22.04 7.64 2.18
N GLN C 28 -22.88 7.00 1.36
CA GLN C 28 -24.20 6.52 1.76
C GLN C 28 -24.12 5.44 2.84
N ALA C 29 -23.07 4.61 2.75
CA ALA C 29 -22.86 3.51 3.70
C ALA C 29 -22.27 3.96 5.05
N THR C 30 -21.30 4.88 5.00
CA THR C 30 -20.63 5.31 6.22
C THR C 30 -21.32 6.52 6.86
N GLY C 31 -22.39 7.01 6.24
CA GLY C 31 -23.02 8.28 6.63
C GLY C 31 -22.03 9.43 6.73
N LYS C 32 -21.05 9.46 5.83
CA LYS C 32 -19.95 10.43 5.90
C LYS C 32 -19.96 11.32 4.66
N PRO C 33 -19.53 12.60 4.79
CA PRO C 33 -19.61 13.46 3.61
C PRO C 33 -18.62 13.01 2.50
N PRO C 34 -19.06 13.02 1.23
CA PRO C 34 -18.21 12.49 0.16
C PRO C 34 -16.98 13.33 -0.10
N GLN C 35 -16.96 14.58 0.38
CA GLN C 35 -15.80 15.48 0.23
C GLN C 35 -14.51 14.93 0.89
N TYR C 36 -14.65 14.03 1.86
CA TYR C 36 -13.51 13.51 2.61
C TYR C 36 -13.10 12.13 2.06
N ILE C 37 -13.94 11.58 1.18
CA ILE C 37 -13.73 10.19 0.71
C ILE C 37 -12.74 10.14 -0.44
N ALA C 38 -11.74 9.23 -0.33
CA ALA C 38 -10.77 9.03 -1.41
C ALA C 38 -10.89 7.59 -1.91
N VAL C 39 -10.83 7.44 -3.23
CA VAL C 39 -10.96 6.12 -3.88
C VAL C 39 -9.85 5.94 -4.92
N HIS C 40 -9.31 4.74 -5.03
CA HIS C 40 -8.13 4.55 -5.86
C HIS C 40 -8.27 3.12 -6.41
N VAL C 41 -8.24 2.99 -7.72
CA VAL C 41 -8.39 1.69 -8.37
C VAL C 41 -7.20 1.42 -9.26
N VAL C 42 -6.56 0.27 -9.06
CA VAL C 42 -5.34 -0.06 -9.75
C VAL C 42 -5.51 -1.38 -10.54
N PRO C 43 -5.88 -1.28 -11.83
CA PRO C 43 -6.09 -2.44 -12.69
C PRO C 43 -4.76 -3.02 -13.26
N ASP C 44 -4.88 -4.10 -14.04
CA ASP C 44 -3.76 -4.65 -14.79
C ASP C 44 -2.61 -5.17 -13.93
N GLN C 45 -2.86 -5.48 -12.67
CA GLN C 45 -1.80 -5.90 -11.74
C GLN C 45 -1.39 -7.34 -11.93
N LEU C 46 -0.11 -7.59 -11.72
CA LEU C 46 0.43 -8.93 -11.72
C LEU C 46 0.20 -9.51 -10.32
N MET C 47 -0.84 -10.33 -10.17
CA MET C 47 -1.14 -10.87 -8.86
C MET C 47 -1.73 -12.27 -8.95
N ALA C 48 -1.74 -12.99 -7.84
CA ALA C 48 -2.35 -14.31 -7.75
C ALA C 48 -2.97 -14.47 -6.38
N PHE C 49 -4.01 -15.30 -6.34
CA PHE C 49 -4.77 -15.54 -5.13
C PHE C 49 -4.96 -17.04 -5.18
N GLY C 50 -4.51 -17.70 -4.13
CA GLY C 50 -4.44 -19.17 -4.06
C GLY C 50 -3.64 -19.82 -5.17
N GLY C 51 -2.64 -19.09 -5.66
CA GLY C 51 -1.79 -19.57 -6.73
C GLY C 51 -2.38 -19.37 -8.09
N SER C 52 -3.62 -18.87 -8.15
CA SER C 52 -4.36 -18.68 -9.39
C SER C 52 -4.36 -17.22 -9.87
N SER C 53 -4.23 -17.04 -11.17
CA SER C 53 -4.33 -15.72 -11.79
C SER C 53 -5.74 -15.38 -12.34
N GLU C 54 -6.76 -16.13 -11.91
CA GLU C 54 -8.17 -15.77 -12.19
C GLU C 54 -8.40 -14.37 -11.57
N PRO C 55 -9.46 -13.65 -12.00
CA PRO C 55 -9.64 -12.31 -11.41
C PRO C 55 -9.71 -12.32 -9.87
N CYS C 56 -8.99 -11.36 -9.28
CA CYS C 56 -8.92 -11.23 -7.82
C CYS C 56 -8.69 -9.74 -7.46
N ALA C 57 -8.86 -9.43 -6.20
CA ALA C 57 -8.57 -8.08 -5.74
C ALA C 57 -8.01 -8.06 -4.32
N LEU C 58 -7.02 -7.18 -4.12
CA LEU C 58 -6.48 -6.90 -2.82
C LEU C 58 -6.76 -5.42 -2.56
N CYS C 59 -7.44 -5.16 -1.46
CA CYS C 59 -8.02 -3.83 -1.16
C CYS C 59 -7.69 -3.40 0.27
N SER C 60 -7.83 -2.11 0.55
CA SER C 60 -7.76 -1.64 1.93
C SER C 60 -8.85 -0.59 2.13
N LEU C 61 -9.35 -0.53 3.35
CA LEU C 61 -10.25 0.57 3.76
C LEU C 61 -9.67 1.24 5.02
N HIS C 62 -9.31 2.53 4.93
CA HIS C 62 -8.81 3.26 6.09
C HIS C 62 -9.93 4.19 6.53
N SER C 63 -10.20 4.21 7.83
CA SER C 63 -11.13 5.18 8.41
C SER C 63 -10.48 5.79 9.65
N ILE C 64 -10.90 7.01 10.00
CA ILE C 64 -10.52 7.54 11.29
C ILE C 64 -11.60 7.17 12.28
N GLY C 65 -11.31 6.19 13.13
CA GLY C 65 -12.34 5.68 14.00
C GLY C 65 -12.65 4.25 13.71
N LYS C 66 -13.03 3.55 14.79
CA LYS C 66 -13.16 2.12 14.81
C LYS C 66 -14.16 1.65 13.78
N ILE C 67 -13.92 0.46 13.26
CA ILE C 67 -14.94 -0.22 12.51
C ILE C 67 -14.98 -1.61 13.13
N GLY C 68 -16.07 -1.90 13.84
CA GLY C 68 -16.21 -3.16 14.56
C GLY C 68 -16.40 -4.31 13.59
N GLY C 69 -16.62 -5.51 14.14
CA GLY C 69 -16.99 -6.67 13.34
C GLY C 69 -18.24 -6.40 12.51
N ALA C 70 -19.20 -5.69 13.10
CA ALA C 70 -20.47 -5.38 12.43
C ALA C 70 -20.31 -4.46 11.21
N GLN C 71 -19.62 -3.33 11.40
CA GLN C 71 -19.31 -2.40 10.31
C GLN C 71 -18.43 -3.05 9.26
N ASN C 72 -17.38 -3.74 9.70
CA ASN C 72 -16.46 -4.41 8.77
C ASN C 72 -17.14 -5.48 7.93
N ARG C 73 -18.03 -6.27 8.54
CA ARG C 73 -18.80 -7.26 7.77
C ARG C 73 -19.71 -6.56 6.77
N SER C 74 -20.32 -5.46 7.20
CA SER C 74 -21.22 -4.69 6.36
C SER C 74 -20.47 -4.04 5.19
N TYR C 75 -19.30 -3.44 5.46
CA TYR C 75 -18.45 -2.90 4.39
C TYR C 75 -18.02 -4.00 3.39
N SER C 76 -17.62 -5.16 3.91
CA SER C 76 -17.17 -6.28 3.06
C SER C 76 -18.29 -6.71 2.10
N LYS C 77 -19.50 -6.83 2.62
CA LYS C 77 -20.66 -7.16 1.77
C LYS C 77 -20.88 -6.14 0.64
N LEU C 78 -20.91 -4.86 1.00
CA LEU C 78 -21.01 -3.75 0.04
C LEU C 78 -19.90 -3.77 -1.01
N LEU C 79 -18.67 -3.84 -0.54
CA LEU C 79 -17.50 -3.73 -1.39
C LEU C 79 -17.29 -4.95 -2.29
N CYS C 80 -17.34 -6.16 -1.73
CA CYS C 80 -17.31 -7.37 -2.58
C CYS C 80 -18.49 -7.39 -3.58
N GLY C 81 -19.65 -6.90 -3.13
CA GLY C 81 -20.83 -6.78 -4.02
C GLY C 81 -20.49 -5.94 -5.24
N LEU C 82 -19.94 -4.75 -5.01
CA LEU C 82 -19.51 -3.86 -6.08
C LEU C 82 -18.44 -4.45 -6.98
N LEU C 83 -17.41 -5.05 -6.37
CA LEU C 83 -16.36 -5.68 -7.15
C LEU C 83 -16.89 -6.82 -8.02
N ALA C 84 -17.78 -7.63 -7.48
CA ALA C 84 -18.39 -8.72 -8.27
C ALA C 84 -19.23 -8.15 -9.42
N GLU C 85 -20.13 -7.24 -9.12
CA GLU C 85 -21.04 -6.71 -10.14
C GLU C 85 -20.31 -5.92 -11.23
N ARG C 86 -19.36 -5.08 -10.84
CA ARG C 86 -18.73 -4.18 -11.78
C ARG C 86 -17.47 -4.72 -12.41
N LEU C 87 -16.66 -5.45 -11.65
CA LEU C 87 -15.38 -5.97 -12.17
C LEU C 87 -15.40 -7.48 -12.42
N ARG C 88 -16.52 -8.11 -12.07
CA ARG C 88 -16.73 -9.56 -12.28
C ARG C 88 -15.67 -10.37 -11.52
N ILE C 89 -15.36 -9.93 -10.30
CA ILE C 89 -14.44 -10.64 -9.42
C ILE C 89 -15.24 -11.41 -8.39
N SER C 90 -15.01 -12.72 -8.27
CA SER C 90 -15.66 -13.51 -7.21
C SER C 90 -15.30 -12.99 -5.81
N PRO C 91 -16.30 -12.78 -4.94
CA PRO C 91 -16.02 -12.35 -3.57
C PRO C 91 -15.03 -13.26 -2.80
N ASP C 92 -14.93 -14.54 -3.17
CA ASP C 92 -13.97 -15.40 -2.48
C ASP C 92 -12.53 -15.22 -2.98
N ARG C 93 -12.36 -14.27 -3.89
CA ARG C 93 -11.05 -13.90 -4.39
C ARG C 93 -10.75 -12.43 -4.11
N VAL C 94 -11.39 -11.91 -3.06
CA VAL C 94 -11.17 -10.55 -2.58
C VAL C 94 -10.68 -10.56 -1.11
N TYR C 95 -9.58 -9.85 -0.85
CA TYR C 95 -9.14 -9.55 0.52
C TYR C 95 -9.27 -8.03 0.71
N ILE C 96 -9.70 -7.63 1.90
CA ILE C 96 -9.85 -6.21 2.27
C ILE C 96 -9.26 -6.05 3.67
N ASN C 97 -8.18 -5.26 3.79
CA ASN C 97 -7.58 -4.94 5.09
C ASN C 97 -8.25 -3.66 5.61
N TYR C 98 -8.73 -3.67 6.86
CA TYR C 98 -9.36 -2.50 7.48
C TYR C 98 -8.40 -1.88 8.47
N TYR C 99 -8.31 -0.55 8.46
CA TYR C 99 -7.39 0.16 9.31
C TYR C 99 -8.13 1.26 10.00
N ASP C 100 -8.01 1.28 11.32
CA ASP C 100 -8.55 2.36 12.14
C ASP C 100 -7.36 3.31 12.41
N MET C 101 -7.35 4.45 11.71
CA MET C 101 -6.29 5.45 11.85
C MET C 101 -6.57 6.44 13.01
N ASN C 102 -5.55 6.78 13.79
CA ASN C 102 -5.68 7.95 14.66
C ASN C 102 -5.58 9.25 13.88
N ALA C 103 -6.42 10.21 14.23
CA ALA C 103 -6.40 11.55 13.61
C ALA C 103 -5.00 12.18 13.53
N ALA C 104 -4.20 11.99 14.60
CA ALA C 104 -2.83 12.57 14.71
C ALA C 104 -1.86 11.89 13.74
N ASN C 105 -2.26 10.70 13.27
CA ASN C 105 -1.48 9.92 12.30
C ASN C 105 -1.99 10.02 10.89
N VAL C 106 -2.82 11.03 10.64
CA VAL C 106 -3.28 11.29 9.30
C VAL C 106 -2.95 12.76 8.88
N GLY C 107 -2.07 12.92 7.91
CA GLY C 107 -1.74 14.26 7.39
C GLY C 107 -2.71 14.71 6.28
N TRP C 108 -3.01 16.00 6.23
CA TRP C 108 -3.90 16.57 5.21
C TRP C 108 -3.75 18.08 5.31
N ASN C 109 -3.75 18.77 4.18
CA ASN C 109 -3.70 20.25 4.21
C ASN C 109 -2.57 20.86 5.09
N ASN C 110 -1.34 20.34 4.95
CA ASN C 110 -0.16 20.88 5.68
C ASN C 110 -0.11 20.62 7.17
N SER C 111 -1.07 19.84 7.69
CA SER C 111 -1.10 19.53 9.09
C SER C 111 -1.65 18.14 9.25
N THR C 112 -2.22 17.85 10.42
CA THR C 112 -2.93 16.59 10.62
C THR C 112 -4.41 16.88 10.94
N PHE C 113 -5.20 15.83 11.13
CA PHE C 113 -6.57 15.98 11.58
C PHE C 113 -6.65 16.05 13.12
N ALA C 114 -5.52 15.99 13.84
CA ALA C 114 -5.58 16.00 15.30
C ALA C 114 -6.21 17.31 15.78
C1 GOL D . 19.39 -5.21 13.13
O1 GOL D . 20.27 -5.04 12.04
C2 GOL D . 20.05 -5.05 14.50
O2 GOL D . 21.43 -5.31 14.45
C3 GOL D . 19.76 -3.65 15.07
O3 GOL D . 19.65 -3.71 16.48
C2 RW1 E . 14.64 2.60 8.19
N3 RW1 E . 14.42 3.89 8.00
C4 RW1 E . 13.26 4.32 7.54
C5 RW1 E . 12.25 3.42 7.24
N1 RW1 E . 13.72 1.69 7.92
C6 RW1 E . 12.52 2.07 7.45
C7 RW1 E . 11.55 1.13 7.12
C8 RW1 E . 11.94 -0.16 6.76
C12 RW1 E . 10.21 1.47 7.17
C11 RW1 E . 9.24 0.53 6.88
C10 RW1 E . 9.62 -0.76 6.52
C9 RW1 E . 10.96 -1.11 6.46
S SO4 F . 13.97 25.32 -7.57
O1 SO4 F . 14.48 23.97 -7.32
O2 SO4 F . 13.92 26.06 -6.29
O3 SO4 F . 14.87 25.97 -8.51
O4 SO4 F . 12.62 25.27 -8.14
S SO4 G . 11.86 18.46 -15.44
O1 SO4 G . 11.54 17.11 -15.91
O2 SO4 G . 12.51 18.40 -14.13
O3 SO4 G . 12.78 19.10 -16.40
O4 SO4 G . 10.63 19.25 -15.33
S SO4 H . -1.13 24.41 -5.52
O1 SO4 H . -2.45 24.01 -5.99
O2 SO4 H . -0.94 25.84 -5.75
O3 SO4 H . -1.02 24.13 -4.08
O4 SO4 H . -0.10 23.67 -6.25
C1 GOL I . 8.27 -15.79 17.23
O1 GOL I . 8.16 -15.45 15.88
C2 GOL I . 8.35 -14.48 17.99
O2 GOL I . 7.08 -14.21 18.56
C3 GOL I . 9.47 -14.51 19.04
O3 GOL I . 9.73 -13.19 19.52
C2 RW1 J . -5.46 -15.69 4.77
N3 RW1 J . -4.20 -16.04 4.52
C4 RW1 J . -3.27 -15.12 4.36
C5 RW1 J . -3.59 -13.78 4.45
N1 RW1 J . -5.83 -14.42 4.85
C6 RW1 J . -4.92 -13.45 4.70
C7 RW1 J . -5.26 -12.10 4.71
C8 RW1 J . -4.35 -11.17 5.21
C12 RW1 J . -6.44 -11.67 4.11
C11 RW1 J . -6.70 -10.31 4.00
C10 RW1 J . -5.78 -9.38 4.49
C9 RW1 J . -4.61 -9.81 5.10
S SO4 K . 15.60 -23.84 -9.34
O1 SO4 K . 14.22 -23.68 -8.91
O2 SO4 K . 15.68 -23.67 -10.79
O3 SO4 K . 16.45 -22.85 -8.68
O4 SO4 K . 16.05 -25.18 -8.95
C1 GOL L . -8.98 19.02 14.16
O1 GOL L . -9.69 17.81 14.14
C2 GOL L . -8.97 19.59 15.57
O2 GOL L . -7.69 20.15 15.80
C3 GOL L . -9.36 18.55 16.63
O3 GOL L . -9.81 19.10 17.83
C2 RW1 M . -13.04 10.70 6.22
N3 RW1 M . -13.79 9.76 5.69
C4 RW1 M . -13.25 8.63 5.27
C5 RW1 M . -11.88 8.43 5.38
N1 RW1 M . -11.73 10.56 6.35
C6 RW1 M . -11.12 9.45 5.94
C7 RW1 M . -9.74 9.33 5.98
C8 RW1 M . -8.94 10.45 5.78
C12 RW1 M . -9.14 8.09 6.18
C11 RW1 M . -7.76 7.97 6.18
C10 RW1 M . -6.97 9.09 5.97
C9 RW1 M . -7.56 10.33 5.77
#